data_6TT2
#
_entry.id   6TT2
#
_cell.length_a   49.247
_cell.length_b   60.374
_cell.length_c   56.394
_cell.angle_alpha   90.000
_cell.angle_beta   98.120
_cell.angle_gamma   90.000
#
_symmetry.space_group_name_H-M   'P 1 21 1'
#
loop_
_entity.id
_entity.type
_entity.pdbx_description
1 polymer 'Tyrosine-protein kinase BTK'
2 non-polymer 'MAGNESIUM ION'
3 non-polymer 'ZINC ION'
4 water water
#
_entity_poly.entity_id   1
_entity_poly.type   'polypeptide(L)'
_entity_poly.pdbx_seq_one_letter_code
;AAVILESIFLKRSQQKKKTSPLNFKKCLFLLTVHKLSYYEYDFERGRRGSKKGSIDVEKITCVETVVPEKNPPPERQIPR
RGEESSEMEQISIIERFPYPFQVVYDEGPLYVFSPTEELRKRWIHQLKNVIRYNSDLVQKYHPCFWIDGQYLCCSQTAKN
AMGCQILEN
;
_entity_poly.pdbx_strand_id   A,B
#
loop_
_chem_comp.id
_chem_comp.type
_chem_comp.name
_chem_comp.formula
MG non-polymer 'MAGNESIUM ION' 'Mg 2'
ZN non-polymer 'ZINC ION' 'Zn 2'
#
# COMPACT_ATOMS: atom_id res chain seq x y z
N ALA A 1 1.79 -16.78 -8.52
CA ALA A 1 3.10 -17.41 -8.33
C ALA A 1 3.11 -18.20 -7.05
N ALA A 2 3.91 -19.29 -7.00
CA ALA A 2 3.99 -20.12 -5.80
C ALA A 2 4.56 -19.33 -4.62
N VAL A 3 3.95 -19.52 -3.47
CA VAL A 3 4.40 -18.91 -2.21
C VAL A 3 5.61 -19.70 -1.74
N ILE A 4 6.75 -19.03 -1.64
CA ILE A 4 8.00 -19.62 -1.17
C ILE A 4 7.93 -19.71 0.36
N LEU A 5 7.56 -18.57 1.02
CA LEU A 5 7.48 -18.49 2.48
C LEU A 5 6.28 -17.66 2.89
N GLU A 6 5.69 -18.01 4.05
CA GLU A 6 4.56 -17.27 4.63
C GLU A 6 4.84 -17.23 6.13
N SER A 7 4.89 -16.04 6.72
CA SER A 7 5.18 -15.92 8.14
C SER A 7 4.49 -14.73 8.72
N ILE A 8 4.29 -14.76 10.04
CA ILE A 8 3.78 -13.60 10.77
C ILE A 8 4.98 -12.91 11.39
N PHE A 9 5.19 -11.64 11.08
CA PHE A 9 6.28 -10.87 11.62
C PHE A 9 5.77 -9.55 12.18
N LEU A 10 6.59 -8.85 12.94
CA LEU A 10 6.30 -7.50 13.38
C LEU A 10 6.98 -6.59 12.35
N LYS A 11 6.25 -5.64 11.82
CA LYS A 11 6.80 -4.70 10.86
C LYS A 11 6.90 -3.36 11.56
N ARG A 12 8.02 -2.65 11.37
CA ARG A 12 8.09 -1.29 11.92
C ARG A 12 7.43 -0.32 10.93
N SER A 13 6.59 0.61 11.45
CA SER A 13 5.92 1.59 10.59
C SER A 13 6.93 2.61 10.07
N GLN A 14 6.63 3.25 8.92
CA GLN A 14 7.51 4.26 8.32
C GLN A 14 7.50 5.50 9.21
N GLN A 15 8.67 5.82 9.84
CA GLN A 15 8.79 6.98 10.71
C GLN A 15 8.71 8.27 9.89
N LYS A 16 7.49 8.88 9.85
CA LYS A 16 7.15 10.09 9.10
C LYS A 16 8.13 11.24 9.37
N LYS A 17 8.39 11.54 10.67
CA LYS A 17 9.31 12.59 11.10
C LYS A 17 10.26 12.08 12.19
N LYS A 18 11.34 12.82 12.47
CA LYS A 18 12.33 12.52 13.51
C LYS A 18 11.73 12.52 14.95
N THR A 19 10.50 13.08 15.11
CA THR A 19 9.75 13.16 16.38
C THR A 19 8.56 12.17 16.43
N SER A 20 8.11 11.65 15.26
CA SER A 20 7.00 10.66 15.14
C SER A 20 7.31 9.39 15.95
N PRO A 21 6.44 8.96 16.90
CA PRO A 21 6.72 7.74 17.68
C PRO A 21 6.67 6.49 16.78
N LEU A 22 7.59 5.54 17.01
CA LEU A 22 7.66 4.32 16.22
C LEU A 22 6.55 3.34 16.54
N ASN A 23 5.91 2.82 15.51
CA ASN A 23 4.84 1.85 15.68
C ASN A 23 5.30 0.53 15.10
N PHE A 24 4.87 -0.57 15.71
CA PHE A 24 5.20 -1.92 15.28
C PHE A 24 3.90 -2.65 15.17
N LYS A 25 3.63 -3.27 14.00
CA LYS A 25 2.38 -3.98 13.78
C LYS A 25 2.61 -5.35 13.29
N LYS A 26 1.80 -6.31 13.73
CA LYS A 26 1.91 -7.68 13.27
C LYS A 26 1.29 -7.80 11.88
N CYS A 27 1.99 -8.45 10.95
CA CYS A 27 1.52 -8.64 9.56
C CYS A 27 1.84 -10.05 9.12
N LEU A 28 1.11 -10.52 8.14
CA LEU A 28 1.36 -11.77 7.46
C LEU A 28 2.19 -11.36 6.27
N PHE A 29 3.36 -11.92 6.12
CA PHE A 29 4.29 -11.69 5.00
C PHE A 29 4.30 -12.87 4.06
N LEU A 30 4.25 -12.58 2.75
CA LEU A 30 4.34 -13.63 1.72
C LEU A 30 5.47 -13.30 0.80
N LEU A 31 6.21 -14.32 0.39
CA LEU A 31 7.28 -14.14 -0.59
C LEU A 31 7.03 -15.04 -1.80
N THR A 32 7.12 -14.47 -2.99
CA THR A 32 7.11 -15.21 -4.27
C THR A 32 8.37 -14.73 -5.03
N VAL A 33 8.64 -15.33 -6.21
CA VAL A 33 9.78 -14.84 -7.00
C VAL A 33 9.57 -13.40 -7.53
N HIS A 34 8.31 -12.93 -7.52
CA HIS A 34 7.98 -11.62 -8.07
C HIS A 34 7.77 -10.53 -7.04
N LYS A 35 7.24 -10.90 -5.85
CA LYS A 35 6.89 -9.89 -4.87
C LYS A 35 7.08 -10.33 -3.44
N LEU A 36 7.35 -9.37 -2.60
CA LEU A 36 7.34 -9.52 -1.15
C LEU A 36 6.11 -8.70 -0.74
N SER A 37 5.09 -9.35 -0.21
CA SER A 37 3.89 -8.62 0.20
C SER A 37 3.51 -8.86 1.64
N TYR A 38 2.77 -7.92 2.23
CA TYR A 38 2.38 -8.02 3.63
C TYR A 38 0.96 -7.58 3.82
N TYR A 39 0.24 -8.28 4.69
CA TYR A 39 -1.17 -8.14 4.91
C TYR A 39 -1.52 -8.07 6.37
N GLU A 40 -2.72 -7.57 6.68
CA GLU A 40 -3.24 -7.68 8.04
C GLU A 40 -3.54 -9.19 8.16
N TYR A 41 -3.46 -9.76 9.35
CA TYR A 41 -3.76 -11.18 9.50
C TYR A 41 -5.14 -11.27 10.15
N ASP A 42 -6.07 -12.03 9.57
CA ASP A 42 -7.42 -12.18 10.14
C ASP A 42 -7.35 -13.41 11.02
N PHE A 43 -7.03 -13.20 12.29
CA PHE A 43 -6.83 -14.27 13.26
C PHE A 43 -8.07 -15.14 13.45
N GLU A 44 -9.25 -14.51 13.54
CA GLU A 44 -10.51 -15.23 13.76
C GLU A 44 -10.80 -16.26 12.69
N ARG A 45 -10.64 -15.85 11.41
CA ARG A 45 -10.85 -16.74 10.28
C ARG A 45 -9.61 -17.57 9.93
N GLY A 46 -8.46 -17.25 10.55
CA GLY A 46 -7.20 -17.95 10.32
C GLY A 46 -6.74 -17.84 8.89
N ARG A 47 -6.66 -16.60 8.37
CA ARG A 47 -6.26 -16.36 6.99
C ARG A 47 -5.76 -14.93 6.81
N ARG A 48 -5.14 -14.62 5.67
CA ARG A 48 -4.70 -13.25 5.43
C ARG A 48 -5.88 -12.31 5.23
N GLY A 49 -5.71 -11.09 5.72
CA GLY A 49 -6.68 -10.02 5.61
C GLY A 49 -6.33 -9.10 4.47
N SER A 50 -6.59 -7.81 4.63
CA SER A 50 -6.33 -6.78 3.63
C SER A 50 -4.84 -6.59 3.40
N LYS A 51 -4.45 -6.35 2.14
CA LYS A 51 -3.05 -6.07 1.81
C LYS A 51 -2.67 -4.74 2.41
N LYS A 52 -1.46 -4.64 2.97
CA LYS A 52 -0.92 -3.42 3.57
C LYS A 52 0.20 -2.86 2.68
N GLY A 53 0.92 -3.72 1.97
CA GLY A 53 2.05 -3.29 1.14
C GLY A 53 2.58 -4.39 0.25
N SER A 54 3.40 -3.99 -0.71
CA SER A 54 3.99 -4.92 -1.69
C SER A 54 5.23 -4.30 -2.24
N ILE A 55 6.31 -5.07 -2.30
CA ILE A 55 7.59 -4.65 -2.83
C ILE A 55 7.91 -5.57 -4.01
N ASP A 56 8.11 -4.97 -5.20
CA ASP A 56 8.52 -5.77 -6.35
C ASP A 56 9.95 -6.24 -6.07
N VAL A 57 10.15 -7.55 -6.14
CA VAL A 57 11.44 -8.17 -5.86
C VAL A 57 12.57 -7.56 -6.68
N GLU A 58 12.30 -7.18 -7.93
CA GLU A 58 13.33 -6.57 -8.79
C GLU A 58 13.89 -5.23 -8.25
N LYS A 59 13.15 -4.58 -7.34
CA LYS A 59 13.51 -3.30 -6.73
C LYS A 59 14.36 -3.42 -5.49
N ILE A 60 14.47 -4.65 -4.95
CA ILE A 60 15.23 -4.84 -3.72
C ILE A 60 16.70 -4.73 -4.01
N THR A 61 17.41 -3.97 -3.19
CA THR A 61 18.85 -3.79 -3.41
C THR A 61 19.71 -4.48 -2.36
N CYS A 62 19.11 -4.83 -1.20
CA CYS A 62 19.86 -5.38 -0.11
C CYS A 62 18.88 -6.07 0.85
N VAL A 63 19.34 -7.19 1.47
CA VAL A 63 18.60 -7.89 2.54
C VAL A 63 19.64 -8.40 3.50
N GLU A 64 19.60 -7.96 4.74
CA GLU A 64 20.57 -8.35 5.77
C GLU A 64 19.92 -8.27 7.15
N THR A 65 20.63 -8.73 8.18
CA THR A 65 20.16 -8.55 9.56
C THR A 65 20.36 -7.07 9.93
N VAL A 66 19.78 -6.67 11.07
CA VAL A 66 19.95 -5.30 11.64
C VAL A 66 20.44 -5.55 13.05
N VAL A 67 21.32 -4.67 13.54
CA VAL A 67 21.75 -4.74 14.94
C VAL A 67 20.45 -4.47 15.78
N PRO A 68 20.17 -5.32 16.75
CA PRO A 68 18.93 -5.15 17.53
C PRO A 68 18.92 -3.89 18.36
N GLU A 69 17.72 -3.50 18.80
CA GLU A 69 17.53 -2.33 19.67
C GLU A 69 18.29 -2.59 20.96
N LYS A 70 18.87 -1.54 21.52
CA LYS A 70 19.65 -1.66 22.75
C LYS A 70 18.81 -2.02 23.97
N ASN A 71 17.60 -1.43 24.10
CA ASN A 71 16.75 -1.67 25.26
C ASN A 71 15.30 -1.96 24.78
N PRO A 72 15.08 -3.11 24.11
CA PRO A 72 13.73 -3.39 23.60
C PRO A 72 12.71 -3.68 24.69
N PRO A 73 11.39 -3.49 24.40
CA PRO A 73 10.35 -3.91 25.34
C PRO A 73 10.35 -5.44 25.41
N PRO A 74 9.68 -6.04 26.39
CA PRO A 74 9.68 -7.52 26.51
C PRO A 74 9.30 -8.30 25.25
N GLU A 75 8.34 -7.78 24.44
CA GLU A 75 7.85 -8.35 23.17
C GLU A 75 9.00 -8.54 22.16
N ARG A 76 10.12 -7.82 22.32
CA ARG A 76 11.23 -7.92 21.38
C ARG A 76 12.55 -8.28 22.04
N GLN A 77 12.50 -8.83 23.28
CA GLN A 77 13.71 -9.22 23.97
C GLN A 77 14.19 -10.60 23.54
N ILE A 78 15.49 -10.68 23.25
CA ILE A 78 16.16 -11.91 22.84
C ILE A 78 16.24 -12.88 24.05
N PRO A 79 15.71 -14.10 23.92
CA PRO A 79 15.75 -15.03 25.06
C PRO A 79 17.12 -15.69 25.24
N ARG A 80 17.29 -16.40 26.35
CA ARG A 80 18.51 -17.19 26.59
C ARG A 80 18.51 -18.38 25.62
N ARG A 81 19.68 -19.02 25.44
CA ARG A 81 19.81 -20.19 24.58
C ARG A 81 19.06 -21.36 25.23
N GLY A 82 18.37 -22.15 24.40
CA GLY A 82 17.58 -23.30 24.83
C GLY A 82 16.12 -23.20 24.45
N GLU A 87 11.02 -27.92 20.45
CA GLU A 87 9.71 -27.84 19.83
C GLU A 87 9.07 -26.43 19.95
N MET A 88 8.39 -26.00 18.86
CA MET A 88 7.75 -24.70 18.73
C MET A 88 6.75 -24.37 19.83
N GLU A 89 6.95 -23.20 20.46
CA GLU A 89 6.02 -22.75 21.50
C GLU A 89 5.02 -21.87 20.82
N GLN A 90 3.80 -22.30 20.91
CA GLN A 90 2.72 -21.73 20.15
C GLN A 90 2.52 -20.24 20.45
N ILE A 91 2.58 -19.86 21.72
CA ILE A 91 2.30 -18.48 22.10
C ILE A 91 3.49 -17.55 21.79
N SER A 92 4.70 -17.99 22.16
CA SER A 92 5.87 -17.17 21.93
C SER A 92 6.10 -16.91 20.45
N ILE A 93 5.78 -17.87 19.57
CA ILE A 93 6.02 -17.69 18.13
C ILE A 93 5.10 -16.65 17.49
N ILE A 94 3.97 -16.20 18.15
CA ILE A 94 3.15 -15.12 17.62
C ILE A 94 3.12 -13.91 18.57
N GLU A 95 3.85 -13.95 19.71
CA GLU A 95 3.88 -12.83 20.65
C GLU A 95 5.24 -12.18 20.77
N ARG A 96 6.35 -12.93 20.56
CA ARG A 96 7.69 -12.38 20.80
C ARG A 96 8.43 -12.34 19.47
N PHE A 97 8.99 -11.18 19.15
CA PHE A 97 9.63 -10.96 17.84
C PHE A 97 11.00 -10.28 18.00
N PRO A 98 12.03 -11.07 18.45
CA PRO A 98 13.29 -10.43 18.83
C PRO A 98 14.32 -10.23 17.73
N TYR A 99 14.11 -10.81 16.54
CA TYR A 99 15.19 -10.87 15.56
C TYR A 99 14.93 -10.04 14.33
N PRO A 100 15.52 -8.83 14.21
CA PRO A 100 15.15 -7.97 13.09
C PRO A 100 16.03 -8.19 11.86
N PHE A 101 15.44 -7.90 10.72
CA PHE A 101 16.15 -7.84 9.44
C PHE A 101 15.64 -6.67 8.62
N GLN A 102 16.40 -6.28 7.63
CA GLN A 102 16.04 -5.14 6.78
C GLN A 102 15.99 -5.54 5.32
N VAL A 103 15.00 -4.96 4.61
CA VAL A 103 14.81 -5.11 3.16
C VAL A 103 14.97 -3.71 2.59
N VAL A 104 16.06 -3.47 1.85
CA VAL A 104 16.35 -2.14 1.30
C VAL A 104 15.89 -2.11 -0.13
N TYR A 105 15.16 -1.07 -0.48
CA TYR A 105 14.67 -0.86 -1.84
C TYR A 105 14.65 0.63 -2.12
N ASP A 106 14.12 1.06 -3.29
CA ASP A 106 14.07 2.47 -3.71
C ASP A 106 13.47 3.37 -2.63
N GLU A 107 12.36 2.94 -2.01
CA GLU A 107 11.68 3.68 -0.94
C GLU A 107 12.17 3.28 0.46
N GLY A 108 13.51 3.35 0.62
CA GLY A 108 14.30 3.12 1.84
C GLY A 108 14.23 1.74 2.47
N PRO A 109 14.66 1.57 3.76
CA PRO A 109 14.56 0.22 4.35
C PRO A 109 13.20 -0.12 4.98
N LEU A 110 12.82 -1.39 4.86
CA LEU A 110 11.69 -1.96 5.54
C LEU A 110 12.27 -2.79 6.68
N TYR A 111 11.83 -2.58 7.94
CA TYR A 111 12.36 -3.34 9.09
C TYR A 111 11.33 -4.35 9.56
N VAL A 112 11.73 -5.62 9.59
CA VAL A 112 10.85 -6.76 9.91
C VAL A 112 11.46 -7.52 11.07
N PHE A 113 10.62 -7.96 12.02
CA PHE A 113 11.11 -8.66 13.22
C PHE A 113 10.54 -10.08 13.24
N SER A 114 11.44 -11.04 13.27
CA SER A 114 11.09 -12.46 13.29
C SER A 114 11.02 -12.98 14.73
N PRO A 115 10.15 -13.95 14.98
CA PRO A 115 10.08 -14.57 16.32
C PRO A 115 11.25 -15.48 16.62
N THR A 116 11.97 -15.99 15.57
CA THR A 116 13.10 -16.88 15.81
C THR A 116 14.29 -16.56 14.89
N GLU A 117 15.50 -16.98 15.32
N GLU A 117 15.52 -16.96 15.33
CA GLU A 117 16.75 -16.88 14.56
CA GLU A 117 16.74 -16.82 14.52
C GLU A 117 16.61 -17.68 13.29
C GLU A 117 16.61 -17.68 13.27
N GLU A 118 16.11 -18.92 13.39
CA GLU A 118 15.99 -19.80 12.23
C GLU A 118 15.07 -19.23 11.14
N LEU A 119 13.92 -18.67 11.54
CA LEU A 119 13.00 -18.10 10.57
C LEU A 119 13.59 -16.88 9.88
N ARG A 120 14.32 -16.03 10.62
CA ARG A 120 14.99 -14.89 10.05
C ARG A 120 16.01 -15.38 9.01
N LYS A 121 16.78 -16.41 9.35
CA LYS A 121 17.80 -17.00 8.46
C LYS A 121 17.10 -17.51 7.20
N ARG A 122 16.00 -18.25 7.33
CA ARG A 122 15.25 -18.75 6.17
C ARG A 122 14.84 -17.62 5.20
N TRP A 123 14.23 -16.54 5.75
CA TRP A 123 13.81 -15.41 4.94
C TRP A 123 14.99 -14.70 4.28
N ILE A 124 16.05 -14.45 5.04
CA ILE A 124 17.22 -13.77 4.46
C ILE A 124 17.79 -14.60 3.32
N HIS A 125 17.90 -15.93 3.55
CA HIS A 125 18.41 -16.80 2.49
C HIS A 125 17.52 -16.77 1.25
N GLN A 126 16.21 -16.98 1.40
CA GLN A 126 15.28 -16.96 0.26
C GLN A 126 15.23 -15.62 -0.43
N LEU A 127 15.25 -14.52 0.36
CA LEU A 127 15.23 -13.20 -0.29
C LEU A 127 16.52 -13.03 -1.10
N LYS A 128 17.66 -13.41 -0.54
CA LYS A 128 18.95 -13.33 -1.29
C LYS A 128 18.89 -14.16 -2.56
N ASN A 129 18.19 -15.31 -2.53
CA ASN A 129 18.01 -16.10 -3.73
C ASN A 129 17.17 -15.37 -4.80
N VAL A 130 16.01 -14.77 -4.41
CA VAL A 130 15.11 -14.17 -5.40
C VAL A 130 15.65 -12.82 -5.94
N ILE A 131 16.57 -12.15 -5.20
CA ILE A 131 17.15 -10.88 -5.65
C ILE A 131 18.49 -11.03 -6.37
N ARG A 132 19.01 -12.25 -6.41
CA ARG A 132 20.34 -12.59 -6.87
C ARG A 132 20.78 -11.91 -8.16
N TYR A 133 19.88 -11.85 -9.17
CA TYR A 133 20.15 -11.31 -10.51
C TYR A 133 19.62 -9.90 -10.69
N ASN A 134 19.30 -9.22 -9.60
CA ASN A 134 18.83 -7.83 -9.63
C ASN A 134 19.93 -6.90 -10.17
N SER A 135 19.52 -5.77 -10.75
CA SER A 135 20.46 -4.85 -11.38
C SER A 135 21.07 -3.78 -10.44
N ASP A 136 20.44 -3.51 -9.30
CA ASP A 136 20.94 -2.45 -8.42
C ASP A 136 21.36 -2.93 -7.02
N LEU A 137 21.86 -4.18 -6.89
CA LEU A 137 22.33 -4.68 -5.60
C LEU A 137 23.50 -3.86 -5.11
N VAL A 138 23.43 -3.45 -3.85
CA VAL A 138 24.47 -2.64 -3.25
C VAL A 138 25.56 -3.50 -2.60
N GLN A 139 26.78 -2.97 -2.53
CA GLN A 139 27.91 -3.64 -1.91
C GLN A 139 28.09 -3.14 -0.50
N LYS A 140 27.26 -2.17 -0.10
CA LYS A 140 27.32 -1.59 1.22
C LYS A 140 25.93 -1.43 1.83
N TYR A 141 25.88 -1.41 3.16
CA TYR A 141 24.61 -1.26 3.91
C TYR A 141 24.81 -0.53 5.24
N HIS A 142 23.69 -0.18 5.89
CA HIS A 142 23.70 0.40 7.21
C HIS A 142 23.38 -0.74 8.18
N PRO A 143 24.32 -1.15 9.04
CA PRO A 143 24.05 -2.28 9.95
C PRO A 143 23.02 -1.99 11.03
N CYS A 144 22.72 -0.71 11.28
CA CYS A 144 21.80 -0.27 12.35
C CYS A 144 20.56 0.37 11.81
N PHE A 145 19.56 0.52 12.68
CA PHE A 145 18.32 1.17 12.31
C PHE A 145 18.48 2.64 11.99
N TRP A 146 17.65 3.08 11.06
CA TRP A 146 17.35 4.48 10.82
C TRP A 146 16.39 4.78 11.99
N ILE A 147 16.74 5.72 12.89
CA ILE A 147 15.93 6.07 14.06
C ILE A 147 15.98 7.58 14.28
N ASP A 148 14.81 8.20 14.51
CA ASP A 148 14.70 9.63 14.84
C ASP A 148 15.54 10.56 13.94
N GLY A 149 15.35 10.41 12.63
CA GLY A 149 15.99 11.25 11.61
C GLY A 149 17.37 10.91 11.14
N GLN A 150 17.99 9.83 11.66
CA GLN A 150 19.33 9.43 11.24
C GLN A 150 19.62 7.94 11.44
N TYR A 151 20.65 7.43 10.74
CA TYR A 151 21.14 6.07 10.94
C TYR A 151 21.97 6.00 12.22
N LEU A 152 21.70 5.02 13.08
CA LEU A 152 22.47 4.90 14.33
C LEU A 152 23.91 4.55 14.09
N CYS A 153 24.20 3.89 12.96
CA CYS A 153 25.51 3.38 12.61
C CYS A 153 26.48 4.49 12.21
N CYS A 154 26.02 5.45 11.41
CA CYS A 154 26.88 6.47 10.81
C CYS A 154 26.41 7.90 11.00
N SER A 155 25.23 8.12 11.60
CA SER A 155 24.62 9.43 11.85
C SER A 155 24.21 10.17 10.60
N GLN A 156 24.17 9.50 9.44
CA GLN A 156 23.71 10.13 8.21
C GLN A 156 22.21 10.39 8.28
N THR A 157 21.79 11.57 7.80
CA THR A 157 20.42 12.06 7.90
C THR A 157 19.59 11.87 6.63
N ALA A 158 20.08 11.10 5.66
CA ALA A 158 19.30 10.79 4.47
C ALA A 158 19.03 9.27 4.49
N LYS A 159 17.75 8.84 4.40
CA LYS A 159 17.39 7.41 4.37
C LYS A 159 18.05 6.70 3.17
N ASN A 160 18.29 7.42 2.05
CA ASN A 160 18.86 6.81 0.85
C ASN A 160 20.40 6.94 0.78
N ALA A 161 21.04 7.37 1.88
CA ALA A 161 22.50 7.46 1.95
C ALA A 161 23.12 6.11 1.70
N MET A 162 24.20 6.09 0.94
CA MET A 162 24.98 4.89 0.67
C MET A 162 25.34 4.26 2.00
N GLY A 163 25.25 2.93 2.06
CA GLY A 163 25.64 2.19 3.23
C GLY A 163 27.03 2.53 3.72
N CYS A 164 27.20 2.56 5.04
CA CYS A 164 28.44 2.90 5.73
C CYS A 164 29.37 1.70 5.94
N GLN A 165 28.85 0.48 5.74
CA GLN A 165 29.62 -0.72 6.00
C GLN A 165 29.63 -1.60 4.78
N ILE A 166 30.84 -2.01 4.37
CA ILE A 166 30.99 -2.89 3.22
C ILE A 166 30.51 -4.31 3.60
N LEU A 167 29.70 -4.90 2.73
CA LEU A 167 29.15 -6.26 2.92
C LEU A 167 30.23 -7.30 2.63
N GLU A 168 30.41 -8.25 3.57
CA GLU A 168 31.42 -9.31 3.48
C GLU A 168 30.87 -10.55 2.76
N ALA B 1 -4.24 19.48 7.41
CA ALA B 1 -3.57 18.19 7.48
C ALA B 1 -2.61 18.05 6.28
N ALA B 2 -1.51 17.31 6.49
CA ALA B 2 -0.50 17.08 5.46
C ALA B 2 -1.11 16.35 4.27
N VAL B 3 -0.75 16.79 3.06
CA VAL B 3 -1.20 16.18 1.82
C VAL B 3 -0.31 14.93 1.63
N ILE B 4 -0.96 13.78 1.56
CA ILE B 4 -0.30 12.50 1.34
C ILE B 4 -0.05 12.36 -0.16
N LEU B 5 -1.07 12.65 -0.98
CA LEU B 5 -1.02 12.58 -2.45
C LEU B 5 -1.83 13.69 -3.08
N GLU B 6 -1.34 14.14 -4.28
CA GLU B 6 -2.01 15.17 -5.09
C GLU B 6 -1.88 14.74 -6.54
N SER B 7 -2.99 14.58 -7.22
CA SER B 7 -2.99 14.15 -8.62
C SER B 7 -4.14 14.72 -9.40
N ILE B 8 -3.97 14.77 -10.72
CA ILE B 8 -5.09 15.13 -11.60
C ILE B 8 -5.67 13.83 -12.17
N PHE B 9 -6.97 13.63 -11.99
CA PHE B 9 -7.67 12.46 -12.47
C PHE B 9 -8.93 12.88 -13.22
N LEU B 10 -9.48 11.97 -14.05
CA LEU B 10 -10.75 12.18 -14.68
C LEU B 10 -11.78 11.55 -13.68
N LYS B 11 -12.79 12.30 -13.26
CA LYS B 11 -13.79 11.81 -12.32
C LYS B 11 -15.08 11.59 -13.12
N ARG B 12 -15.79 10.47 -12.84
CA ARG B 12 -17.08 10.31 -13.50
C ARG B 12 -18.16 11.03 -12.69
N SER B 13 -19.07 11.73 -13.37
CA SER B 13 -20.17 12.42 -12.70
C SER B 13 -21.21 11.39 -12.20
N GLN B 14 -21.99 11.74 -11.19
CA GLN B 14 -23.08 10.87 -10.70
C GLN B 14 -24.19 10.75 -11.77
N GLN B 15 -24.38 9.54 -12.34
CA GLN B 15 -25.41 9.29 -13.36
C GLN B 15 -26.80 9.38 -12.72
N LYS B 16 -27.44 10.55 -12.91
CA LYS B 16 -28.77 10.93 -12.38
C LYS B 16 -29.82 9.88 -12.69
N LYS B 17 -29.95 9.48 -13.98
CA LYS B 17 -30.90 8.47 -14.44
C LYS B 17 -30.24 7.43 -15.33
N LYS B 18 -30.92 6.29 -15.53
CA LYS B 18 -30.47 5.18 -16.37
C LYS B 18 -30.31 5.56 -17.87
N THR B 19 -30.87 6.73 -18.27
CA THR B 19 -30.80 7.26 -19.65
C THR B 19 -29.83 8.46 -19.76
N SER B 20 -29.39 9.00 -18.61
CA SER B 20 -28.47 10.14 -18.54
C SER B 20 -27.11 9.82 -19.20
N PRO B 21 -26.64 10.59 -20.21
CA PRO B 21 -25.30 10.31 -20.75
C PRO B 21 -24.25 10.63 -19.67
N LEU B 22 -23.22 9.79 -19.59
CA LEU B 22 -22.18 9.93 -18.56
C LEU B 22 -21.25 11.11 -18.83
N ASN B 23 -20.94 11.87 -17.77
CA ASN B 23 -20.02 12.98 -17.89
C ASN B 23 -18.74 12.68 -17.12
N PHE B 24 -17.61 13.12 -17.67
CA PHE B 24 -16.29 12.90 -17.06
C PHE B 24 -15.61 14.24 -17.01
N LYS B 25 -15.10 14.63 -15.83
CA LYS B 25 -14.43 15.93 -15.68
C LYS B 25 -13.07 15.77 -15.07
N LYS B 26 -12.09 16.57 -15.50
CA LYS B 26 -10.76 16.52 -14.89
C LYS B 26 -10.80 17.30 -13.59
N CYS B 27 -10.24 16.75 -12.54
CA CYS B 27 -10.16 17.36 -11.19
C CYS B 27 -8.84 17.14 -10.56
N LEU B 28 -8.47 18.04 -9.65
CA LEU B 28 -7.33 17.89 -8.80
C LEU B 28 -7.81 17.22 -7.51
N PHE B 29 -7.24 16.06 -7.23
CA PHE B 29 -7.54 15.26 -6.05
C PHE B 29 -6.46 15.40 -5.02
N LEU B 30 -6.89 15.59 -3.77
CA LEU B 30 -5.96 15.67 -2.65
C LEU B 30 -6.42 14.64 -1.63
N LEU B 31 -5.47 13.97 -1.07
CA LEU B 31 -5.70 13.00 0.01
C LEU B 31 -4.95 13.43 1.29
N THR B 32 -5.69 13.43 2.41
CA THR B 32 -5.11 13.64 3.75
C THR B 32 -5.65 12.48 4.60
N VAL B 33 -5.20 12.37 5.86
CA VAL B 33 -5.71 11.33 6.77
C VAL B 33 -7.21 11.53 7.05
N HIS B 34 -7.74 12.74 6.86
CA HIS B 34 -9.13 13.03 7.18
C HIS B 34 -10.08 13.05 6.00
N LYS B 35 -9.57 13.50 4.81
CA LYS B 35 -10.47 13.69 3.70
C LYS B 35 -9.84 13.35 2.36
N LEU B 36 -10.70 12.95 1.44
CA LEU B 36 -10.36 12.81 0.02
C LEU B 36 -11.16 13.95 -0.61
N SER B 37 -10.48 15.00 -1.11
N SER B 37 -10.47 14.98 -1.13
CA SER B 37 -11.20 16.12 -1.72
CA SER B 37 -11.11 16.15 -1.72
C SER B 37 -10.80 16.31 -3.18
C SER B 37 -10.79 16.28 -3.21
N TYR B 38 -11.67 16.93 -3.96
CA TYR B 38 -11.43 17.18 -5.37
C TYR B 38 -11.88 18.55 -5.76
N TYR B 39 -11.09 19.18 -6.59
CA TYR B 39 -11.25 20.55 -7.00
C TYR B 39 -11.15 20.73 -8.48
N GLU B 40 -11.66 21.87 -8.97
CA GLU B 40 -11.40 22.25 -10.36
C GLU B 40 -9.90 22.59 -10.36
N TYR B 41 -9.21 22.35 -11.45
CA TYR B 41 -7.78 22.69 -11.47
C TYR B 41 -7.61 24.00 -12.26
N ASP B 42 -6.92 24.98 -11.68
CA ASP B 42 -6.67 26.27 -12.35
C ASP B 42 -5.35 26.09 -13.08
N PHE B 43 -5.42 25.64 -14.32
CA PHE B 43 -4.24 25.34 -15.13
C PHE B 43 -3.35 26.56 -15.36
N GLU B 44 -3.94 27.71 -15.64
CA GLU B 44 -3.22 28.97 -15.91
C GLU B 44 -2.32 29.35 -14.76
N ARG B 45 -2.85 29.32 -13.52
CA ARG B 45 -2.08 29.63 -12.32
C ARG B 45 -1.30 28.45 -11.78
N GLY B 46 -1.58 27.24 -12.30
CA GLY B 46 -0.91 26.02 -11.87
C GLY B 46 -1.18 25.69 -10.43
N ARG B 47 -2.48 25.70 -10.04
CA ARG B 47 -2.87 25.44 -8.65
C ARG B 47 -4.32 24.98 -8.59
N ARG B 48 -4.78 24.48 -7.44
CA ARG B 48 -6.17 24.09 -7.31
C ARG B 48 -7.13 25.27 -7.38
N GLY B 49 -8.29 25.05 -7.98
CA GLY B 49 -9.39 26.00 -8.11
C GLY B 49 -10.42 25.75 -7.04
N SER B 50 -11.70 25.95 -7.37
CA SER B 50 -12.85 25.77 -6.47
C SER B 50 -13.02 24.31 -6.08
N LYS B 51 -13.36 24.05 -4.80
CA LYS B 51 -13.67 22.69 -4.34
C LYS B 51 -14.92 22.20 -5.03
N LYS B 52 -14.92 20.94 -5.47
CA LYS B 52 -16.07 20.31 -6.12
C LYS B 52 -16.72 19.27 -5.21
N GLY B 53 -15.92 18.65 -4.36
CA GLY B 53 -16.42 17.61 -3.46
C GLY B 53 -15.43 17.17 -2.42
N SER B 54 -15.93 16.40 -1.45
CA SER B 54 -15.13 15.92 -0.35
C SER B 54 -15.76 14.67 0.18
N ILE B 55 -14.95 13.67 0.47
CA ILE B 55 -15.38 12.42 1.10
C ILE B 55 -14.61 12.30 2.40
N ASP B 56 -15.34 12.20 3.52
CA ASP B 56 -14.69 11.96 4.79
C ASP B 56 -14.11 10.54 4.75
N VAL B 57 -12.82 10.44 5.00
CA VAL B 57 -12.09 9.17 4.97
C VAL B 57 -12.75 8.10 5.85
N GLU B 58 -13.27 8.51 7.03
CA GLU B 58 -13.92 7.55 7.93
C GLU B 58 -15.17 6.84 7.33
N LYS B 59 -15.74 7.40 6.26
CA LYS B 59 -16.93 6.90 5.59
C LYS B 59 -16.60 5.89 4.49
N ILE B 60 -15.32 5.80 4.09
CA ILE B 60 -14.95 4.93 2.98
C ILE B 60 -15.02 3.48 3.42
N THR B 61 -15.68 2.63 2.63
CA THR B 61 -15.81 1.22 2.99
C THR B 61 -14.93 0.28 2.16
N CYS B 62 -14.43 0.75 1.00
CA CYS B 62 -13.69 -0.11 0.08
C CYS B 62 -12.99 0.77 -0.94
N VAL B 63 -11.79 0.35 -1.37
CA VAL B 63 -11.09 1.03 -2.48
C VAL B 63 -10.48 -0.11 -3.29
N GLU B 64 -10.78 -0.16 -4.58
CA GLU B 64 -10.26 -1.24 -5.43
C GLU B 64 -10.22 -0.75 -6.87
N THR B 65 -9.65 -1.54 -7.79
CA THR B 65 -9.72 -1.19 -9.19
C THR B 65 -11.13 -1.51 -9.72
N VAL B 66 -11.46 -1.07 -10.96
CA VAL B 66 -12.72 -1.36 -11.64
C VAL B 66 -12.33 -1.96 -12.97
N VAL B 67 -13.13 -2.94 -13.45
CA VAL B 67 -12.95 -3.49 -14.80
C VAL B 67 -13.15 -2.34 -15.79
N PRO B 68 -12.20 -2.12 -16.71
CA PRO B 68 -12.37 -0.97 -17.62
C PRO B 68 -13.55 -1.11 -18.57
N GLU B 69 -13.98 0.01 -19.14
CA GLU B 69 -15.05 0.08 -20.12
C GLU B 69 -14.61 -0.77 -21.32
N LYS B 70 -15.55 -1.49 -21.94
CA LYS B 70 -15.23 -2.33 -23.09
C LYS B 70 -14.79 -1.54 -24.32
N ASN B 71 -15.48 -0.42 -24.60
CA ASN B 71 -15.18 0.41 -25.78
C ASN B 71 -15.01 1.89 -25.38
N PRO B 72 -13.95 2.23 -24.63
CA PRO B 72 -13.79 3.62 -24.19
C PRO B 72 -13.46 4.60 -25.33
N PRO B 73 -13.76 5.90 -25.16
CA PRO B 73 -13.34 6.90 -26.14
C PRO B 73 -11.81 7.05 -26.06
N PRO B 74 -11.16 7.70 -27.05
CA PRO B 74 -9.68 7.79 -27.02
C PRO B 74 -9.06 8.30 -25.71
N GLU B 75 -9.73 9.25 -25.03
CA GLU B 75 -9.30 9.85 -23.75
C GLU B 75 -9.12 8.79 -22.66
N ARG B 76 -9.75 7.61 -22.80
CA ARG B 76 -9.64 6.58 -21.79
C ARG B 76 -9.16 5.24 -22.33
N GLN B 77 -8.51 5.25 -23.51
CA GLN B 77 -7.99 4.02 -24.10
C GLN B 77 -6.66 3.63 -23.53
N ILE B 78 -6.53 2.36 -23.09
CA ILE B 78 -5.33 1.78 -22.51
C ILE B 78 -4.26 1.66 -23.61
N PRO B 79 -3.07 2.28 -23.42
CA PRO B 79 -2.03 2.19 -24.47
C PRO B 79 -1.34 0.84 -24.52
N GLU B 89 5.23 10.81 -21.04
CA GLU B 89 5.04 12.08 -21.73
C GLU B 89 4.09 13.03 -21.00
N GLN B 90 4.56 14.26 -21.02
CA GLN B 90 3.93 15.39 -20.36
C GLN B 90 2.47 15.58 -20.76
N ILE B 91 2.16 15.43 -22.04
CA ILE B 91 0.82 15.66 -22.57
C ILE B 91 -0.09 14.48 -22.21
N SER B 92 0.39 13.25 -22.47
CA SER B 92 -0.42 12.08 -22.19
C SER B 92 -0.80 11.94 -20.71
N ILE B 93 0.09 12.37 -19.78
CA ILE B 93 -0.21 12.25 -18.33
C ILE B 93 -1.33 13.20 -17.88
N ILE B 94 -1.76 14.19 -18.71
CA ILE B 94 -2.92 15.04 -18.36
C ILE B 94 -4.02 14.94 -19.39
N GLU B 95 -3.87 14.10 -20.44
CA GLU B 95 -4.91 13.97 -21.45
C GLU B 95 -5.57 12.61 -21.52
N ARG B 96 -4.84 11.59 -21.17
CA ARG B 96 -5.31 10.20 -21.31
C ARG B 96 -5.39 9.55 -19.92
N PHE B 97 -6.56 8.99 -19.58
CA PHE B 97 -6.85 8.46 -18.24
C PHE B 97 -7.45 7.06 -18.32
N PRO B 98 -6.63 6.05 -18.58
CA PRO B 98 -7.22 4.74 -18.88
C PRO B 98 -7.45 3.81 -17.72
N TYR B 99 -6.94 4.13 -16.50
CA TYR B 99 -6.93 3.17 -15.39
C TYR B 99 -7.89 3.52 -14.26
N PRO B 100 -9.10 2.91 -14.23
CA PRO B 100 -10.08 3.34 -13.23
C PRO B 100 -9.93 2.63 -11.90
N PHE B 101 -10.34 3.32 -10.86
CA PHE B 101 -10.50 2.78 -9.53
C PHE B 101 -11.77 3.31 -8.90
N GLN B 102 -12.25 2.64 -7.86
CA GLN B 102 -13.50 3.02 -7.22
C GLN B 102 -13.26 3.26 -5.74
N VAL B 103 -13.95 4.28 -5.21
CA VAL B 103 -13.93 4.60 -3.78
C VAL B 103 -15.38 4.45 -3.34
N VAL B 104 -15.65 3.41 -2.53
CA VAL B 104 -17.01 3.10 -2.11
C VAL B 104 -17.23 3.69 -0.76
N TYR B 105 -18.36 4.36 -0.61
CA TYR B 105 -18.75 4.98 0.67
C TYR B 105 -20.27 4.94 0.75
N ASP B 106 -20.84 5.49 1.82
CA ASP B 106 -22.29 5.49 2.04
C ASP B 106 -23.09 6.00 0.83
N GLU B 107 -22.63 7.10 0.22
CA GLU B 107 -23.28 7.70 -0.95
C GLU B 107 -22.72 7.16 -2.29
N GLY B 108 -22.79 5.83 -2.44
CA GLY B 108 -22.39 5.06 -3.63
C GLY B 108 -20.91 5.10 -3.99
N PRO B 109 -20.52 4.45 -5.10
CA PRO B 109 -19.11 4.52 -5.52
C PRO B 109 -18.77 5.83 -6.24
N LEU B 110 -17.54 6.26 -6.03
CA LEU B 110 -16.95 7.38 -6.78
C LEU B 110 -15.98 6.70 -7.77
N TYR B 111 -16.10 7.02 -9.07
CA TYR B 111 -15.20 6.41 -10.06
C TYR B 111 -14.16 7.42 -10.53
N VAL B 112 -12.89 7.06 -10.41
CA VAL B 112 -11.76 7.95 -10.68
C VAL B 112 -10.84 7.24 -11.72
N PHE B 113 -10.36 7.98 -12.72
CA PHE B 113 -9.50 7.39 -13.74
C PHE B 113 -8.11 8.02 -13.69
N SER B 114 -7.09 7.16 -13.52
CA SER B 114 -5.72 7.55 -13.43
C SER B 114 -5.06 7.50 -14.82
N PRO B 115 -4.09 8.39 -15.06
CA PRO B 115 -3.37 8.32 -16.34
C PRO B 115 -2.38 7.17 -16.42
N THR B 116 -1.96 6.59 -15.28
CA THR B 116 -1.01 5.50 -15.26
C THR B 116 -1.37 4.41 -14.26
N GLU B 117 -0.94 3.19 -14.56
CA GLU B 117 -1.09 2.09 -13.61
C GLU B 117 -0.35 2.32 -12.30
N GLU B 118 0.88 2.84 -12.35
CA GLU B 118 1.70 3.09 -11.16
C GLU B 118 1.00 4.12 -10.22
N LEU B 119 0.41 5.17 -10.81
CA LEU B 119 -0.24 6.19 -9.97
C LEU B 119 -1.50 5.62 -9.33
N ARG B 120 -2.24 4.77 -10.08
CA ARG B 120 -3.41 4.11 -9.50
C ARG B 120 -2.99 3.23 -8.34
N LYS B 121 -1.89 2.42 -8.52
CA LYS B 121 -1.38 1.56 -7.46
C LYS B 121 -1.00 2.42 -6.21
N ARG B 122 -0.35 3.58 -6.40
CA ARG B 122 0.06 4.42 -5.29
C ARG B 122 -1.16 4.93 -4.51
N TRP B 123 -2.18 5.35 -5.24
CA TRP B 123 -3.41 5.87 -4.61
C TRP B 123 -4.13 4.78 -3.87
N ILE B 124 -4.29 3.60 -4.51
CA ILE B 124 -4.99 2.51 -3.81
C ILE B 124 -4.24 2.12 -2.51
N HIS B 125 -2.89 2.06 -2.55
CA HIS B 125 -2.03 1.80 -1.40
C HIS B 125 -2.28 2.81 -0.27
N GLN B 126 -2.23 4.10 -0.62
CA GLN B 126 -2.38 5.15 0.40
C GLN B 126 -3.79 5.24 0.91
N LEU B 127 -4.78 5.01 0.05
CA LEU B 127 -6.18 5.02 0.49
C LEU B 127 -6.43 3.87 1.46
N LYS B 128 -5.92 2.70 1.15
CA LYS B 128 -6.04 1.54 2.05
C LYS B 128 -5.40 1.82 3.39
N ASN B 129 -4.29 2.57 3.39
CA ASN B 129 -3.61 2.94 4.62
C ASN B 129 -4.52 3.87 5.48
N VAL B 130 -5.14 4.88 4.86
CA VAL B 130 -5.92 5.85 5.64
C VAL B 130 -7.26 5.29 6.10
N ILE B 131 -7.81 4.28 5.42
CA ILE B 131 -9.10 3.70 5.82
C ILE B 131 -8.99 2.48 6.73
N ARG B 132 -7.76 2.05 7.04
CA ARG B 132 -7.45 0.78 7.73
C ARG B 132 -8.23 0.56 9.05
N TYR B 133 -8.46 1.62 9.82
CA TYR B 133 -9.15 1.51 11.12
C TYR B 133 -10.62 1.89 11.02
N ASN B 134 -11.16 1.96 9.80
CA ASN B 134 -12.56 2.29 9.58
C ASN B 134 -13.48 1.22 10.13
N SER B 135 -14.71 1.61 10.51
CA SER B 135 -15.65 0.70 11.15
C SER B 135 -16.56 -0.08 10.22
N ASP B 136 -16.73 0.37 8.97
CA ASP B 136 -17.65 -0.32 8.05
C ASP B 136 -16.98 -0.88 6.77
N LEU B 137 -15.70 -1.32 6.88
CA LEU B 137 -15.00 -1.90 5.72
C LEU B 137 -15.73 -3.14 5.24
N VAL B 138 -16.04 -3.17 3.95
CA VAL B 138 -16.76 -4.30 3.37
C VAL B 138 -15.81 -5.42 2.93
N GLN B 139 -16.36 -6.64 2.81
CA GLN B 139 -15.62 -7.85 2.41
C GLN B 139 -15.92 -8.22 0.95
N LYS B 140 -16.88 -7.51 0.35
CA LYS B 140 -17.37 -7.73 -1.01
C LYS B 140 -17.44 -6.42 -1.78
N TYR B 141 -17.33 -6.51 -3.08
CA TYR B 141 -17.40 -5.32 -3.93
C TYR B 141 -17.98 -5.69 -5.32
N HIS B 142 -18.29 -4.66 -6.10
CA HIS B 142 -18.75 -4.79 -7.46
C HIS B 142 -17.53 -4.57 -8.36
N PRO B 143 -17.01 -5.60 -9.03
CA PRO B 143 -15.80 -5.38 -9.86
C PRO B 143 -16.01 -4.48 -11.06
N CYS B 144 -17.28 -4.28 -11.50
CA CYS B 144 -17.61 -3.50 -12.68
C CYS B 144 -18.34 -2.22 -12.34
N PHE B 145 -18.42 -1.31 -13.33
CA PHE B 145 -19.16 -0.08 -13.16
C PHE B 145 -20.65 -0.26 -12.97
N TRP B 146 -21.20 0.68 -12.24
CA TRP B 146 -22.62 0.92 -12.18
C TRP B 146 -22.84 1.74 -13.46
N ILE B 147 -23.64 1.23 -14.39
CA ILE B 147 -23.88 1.89 -15.67
C ILE B 147 -25.34 1.72 -16.05
N ASP B 148 -25.96 2.80 -16.52
CA ASP B 148 -27.35 2.81 -17.00
C ASP B 148 -28.35 2.07 -16.07
N GLY B 149 -28.35 2.44 -14.79
CA GLY B 149 -29.29 1.94 -13.80
C GLY B 149 -28.97 0.65 -13.08
N GLN B 150 -27.82 0.02 -13.38
CA GLN B 150 -27.44 -1.25 -12.72
C GLN B 150 -25.95 -1.51 -12.77
N TYR B 151 -25.50 -2.41 -11.91
CA TYR B 151 -24.11 -2.90 -11.92
C TYR B 151 -23.89 -3.87 -13.09
N LEU B 152 -22.84 -3.66 -13.89
CA LEU B 152 -22.59 -4.55 -15.03
C LEU B 152 -22.26 -5.95 -14.58
N CYS B 153 -21.69 -6.08 -13.39
CA CYS B 153 -21.19 -7.31 -12.84
C CYS B 153 -22.32 -8.28 -12.43
N CYS B 154 -23.36 -7.77 -11.79
CA CYS B 154 -24.42 -8.60 -11.19
C CYS B 154 -25.84 -8.18 -11.54
N SER B 155 -26.00 -7.09 -12.28
CA SER B 155 -27.31 -6.56 -12.71
C SER B 155 -28.16 -6.03 -11.57
N GLN B 156 -27.59 -5.83 -10.37
CA GLN B 156 -28.35 -5.25 -9.26
C GLN B 156 -28.61 -3.77 -9.51
N THR B 157 -29.84 -3.32 -9.22
CA THR B 157 -30.32 -1.98 -9.55
C THR B 157 -30.27 -0.98 -8.37
N ALA B 158 -29.61 -1.35 -7.27
CA ALA B 158 -29.42 -0.44 -6.14
C ALA B 158 -27.91 -0.16 -6.06
N LYS B 159 -27.52 1.13 -6.08
CA LYS B 159 -26.10 1.53 -5.95
C LYS B 159 -25.49 1.05 -4.64
N ASN B 160 -26.32 0.91 -3.55
CA ASN B 160 -25.78 0.47 -2.27
C ASN B 160 -25.86 -1.06 -2.04
N ALA B 161 -26.21 -1.83 -3.09
CA ALA B 161 -26.29 -3.29 -3.00
C ALA B 161 -24.94 -3.83 -2.59
N MET B 162 -24.95 -4.84 -1.71
CA MET B 162 -23.79 -5.57 -1.27
C MET B 162 -23.01 -6.01 -2.52
N GLY B 163 -21.68 -5.97 -2.42
CA GLY B 163 -20.83 -6.42 -3.51
C GLY B 163 -21.13 -7.85 -3.87
N CYS B 164 -21.05 -8.16 -5.16
CA CYS B 164 -21.30 -9.49 -5.72
C CYS B 164 -20.08 -10.38 -5.71
N GLN B 165 -18.88 -9.80 -5.47
CA GLN B 165 -17.65 -10.56 -5.49
C GLN B 165 -16.91 -10.40 -4.21
N ILE B 166 -16.50 -11.53 -3.63
CA ILE B 166 -15.72 -11.54 -2.39
C ILE B 166 -14.33 -10.96 -2.68
N LEU B 167 -13.90 -10.03 -1.84
CA LEU B 167 -12.56 -9.46 -1.98
C LEU B 167 -11.51 -10.52 -1.61
N GLU B 168 -10.62 -10.83 -2.56
CA GLU B 168 -9.56 -11.83 -2.40
C GLU B 168 -8.24 -11.09 -2.62
N ASN B 169 -7.52 -10.80 -1.51
CA ASN B 169 -6.25 -10.05 -1.53
C ASN B 169 -5.07 -10.85 -2.08
MG MG C . -3.38 -20.54 5.78
ZN ZN D . 25.11 3.72 8.32
MG MG E . 1.18 22.87 -6.76
ZN ZN F . -21.91 -6.46 -8.81
#